data_8XPP
#
_entry.id   8XPP
#
_cell.length_a   62.976
_cell.length_b   77.858
_cell.length_c   154.621
_cell.angle_alpha   90.00
_cell.angle_beta   90.00
_cell.angle_gamma   90.00
#
_symmetry.space_group_name_H-M   'P 21 21 21'
#
loop_
_entity.id
_entity.type
_entity.pdbx_description
1 polymer 'Genome polyprotein'
2 polymer 'RNA (35-MER)'
3 polymer 'RNA (17-MER)'
4 non-polymer 'ZINC ION'
#
loop_
_entity_poly.entity_id
_entity_poly.type
_entity_poly.pdbx_seq_one_letter_code
_entity_poly.pdbx_strand_id
1 'polypeptide(L)'
;GEIQWVKPNKETGRLNINGPTRTKLEPSVFHDVFEGNKEPAVLHSKDPRLEVDFEQALFSKYVGNTLYEPDEYIKEAALH
YANQLKQLDIDTSQMSMEEACYGTENLEAIDLHTSAGYPYSALGIKKRDILDSTTRDVSKMKFYMDKYGLDLPYSTYVKD
ELRSIDKIKKGKSRLIEASSLNDSVYLRMTFGHLYETFHANPGTVTGSAVGCNPDTFWSKLPILLPGSLFAFDYSGYDAS
LSPVWFRALELVLREIGYSEEAVSLVEGINHTHHVYRNKTYCVLGGMPSGMSGTSIFNSMINNIIIRALLIKTFKGIDLD
ELNMVAYGDDVLASYPFPIDCLELARTGKEYGLTMTPADKSPCFNEVNWDNATFLKRGFLPDEQFPFLIHPTMPMKEIHE
SIRWTKDARNTQDHVRSLCLLAWHNGKQEYEKFVSAIRSVPVGKALAIPNYENLRRNWLELFHHHHHH
;
A
2 'polyribonucleotide' GGGAGAUGAAAGUCUCCACUAGAGAGUCGUCGAAA B
3 'polyribonucleotide' UGUUCGACGACUCUCU(A1LXS) C
#
loop_
_chem_comp.id
_chem_comp.type
_chem_comp.name
_chem_comp.formula
A RNA linking ADENOSINE-5'-MONOPHOSPHATE 'C10 H14 N5 O7 P'
A1LXS non-polymer '[(2~{R},3~{R},4~{S},5~{R})-4-fluoranyl-5-(5-iodanyl-4-methyl-pyrrolo[2,3-d]pyrimidin-7-yl)-3-oxidanyl-oxolan-2-yl]methyl dihydrogen phosphate' 'C12 H14 F I N3 O6 P'
C RNA linking CYTIDINE-5'-MONOPHOSPHATE 'C9 H14 N3 O8 P'
G RNA linking GUANOSINE-5'-MONOPHOSPHATE 'C10 H14 N5 O8 P'
U RNA linking URIDINE-5'-MONOPHOSPHATE 'C9 H13 N2 O9 P'
ZN non-polymer 'ZINC ION' 'Zn 2'
#
# COMPACT_ATOMS: atom_id res chain seq x y z
N GLY A 1 -4.02 -13.46 -9.13
CA GLY A 1 -5.18 -13.67 -8.28
C GLY A 1 -6.36 -14.01 -9.15
N GLU A 2 -7.20 -14.93 -8.70
CA GLU A 2 -8.37 -15.33 -9.47
C GLU A 2 -9.49 -15.84 -8.56
N ILE A 3 -10.72 -15.37 -8.81
CA ILE A 3 -11.88 -15.87 -8.06
C ILE A 3 -12.19 -17.30 -8.45
N GLN A 4 -12.25 -18.17 -7.45
CA GLN A 4 -12.51 -19.58 -7.69
C GLN A 4 -13.99 -19.87 -7.86
N TRP A 5 -14.82 -19.33 -6.97
CA TRP A 5 -16.24 -19.63 -6.95
C TRP A 5 -16.99 -18.56 -6.15
N VAL A 6 -18.27 -18.40 -6.47
CA VAL A 6 -19.18 -17.51 -5.76
C VAL A 6 -20.40 -18.34 -5.35
N LYS A 7 -20.75 -18.27 -4.08
CA LYS A 7 -21.91 -18.96 -3.53
C LYS A 7 -22.75 -17.98 -2.73
N PRO A 8 -24.06 -18.13 -2.72
CA PRO A 8 -24.89 -17.28 -1.86
C PRO A 8 -24.62 -17.56 -0.39
N ASN A 9 -24.72 -16.50 0.41
CA ASN A 9 -24.49 -16.63 1.85
C ASN A 9 -25.46 -17.62 2.49
N LYS A 10 -26.65 -17.83 1.90
CA LYS A 10 -27.57 -18.88 2.36
C LYS A 10 -26.90 -20.25 2.34
N GLU A 11 -26.03 -20.46 1.34
CA GLU A 11 -25.36 -21.74 1.13
C GLU A 11 -24.12 -21.90 2.00
N THR A 12 -23.43 -20.79 2.30
CA THR A 12 -22.18 -20.81 3.06
C THR A 12 -22.37 -20.41 4.52
N GLY A 13 -23.58 -20.06 4.94
CA GLY A 13 -23.84 -19.68 6.31
C GLY A 13 -23.27 -18.35 6.72
N ARG A 14 -22.60 -17.64 5.82
CA ARG A 14 -21.97 -16.38 6.17
C ARG A 14 -23.02 -15.29 6.37
N LEU A 15 -22.84 -14.49 7.42
CA LEU A 15 -23.68 -13.31 7.63
C LEU A 15 -23.46 -12.28 6.52
N ASN A 16 -24.48 -11.46 6.29
CA ASN A 16 -24.39 -10.40 5.29
C ASN A 16 -23.46 -9.29 5.77
N ILE A 17 -22.64 -8.78 4.87
CA ILE A 17 -21.78 -7.63 5.15
C ILE A 17 -22.14 -6.57 4.12
N ASN A 18 -22.70 -5.46 4.59
CA ASN A 18 -23.04 -4.37 3.71
C ASN A 18 -22.21 -3.15 4.09
N GLY A 19 -21.79 -2.39 3.09
CA GLY A 19 -21.03 -1.20 3.35
C GLY A 19 -21.79 0.04 2.92
N PRO A 20 -21.20 1.20 3.15
CA PRO A 20 -21.89 2.45 2.79
C PRO A 20 -21.91 2.63 1.29
N THR A 21 -23.04 3.16 0.80
CA THR A 21 -23.26 3.28 -0.65
C THR A 21 -23.35 4.73 -1.12
N ARG A 22 -23.08 5.70 -0.24
CA ARG A 22 -23.08 7.10 -0.58
C ARG A 22 -21.81 7.75 -0.07
N THR A 23 -21.20 8.61 -0.88
CA THR A 23 -19.87 9.13 -0.55
C THR A 23 -19.92 10.13 0.59
N LYS A 24 -18.91 10.09 1.45
CA LYS A 24 -18.70 11.16 2.43
C LYS A 24 -18.17 12.43 1.78
N LEU A 25 -17.93 12.41 0.46
CA LEU A 25 -17.25 13.48 -0.27
C LEU A 25 -18.24 14.46 -0.90
N GLU A 26 -18.00 15.75 -0.70
CA GLU A 26 -18.83 16.83 -1.19
C GLU A 26 -17.91 17.97 -1.59
N PRO A 27 -18.25 18.73 -2.63
CA PRO A 27 -17.34 19.80 -3.09
C PRO A 27 -17.03 20.80 -1.99
N SER A 28 -15.80 21.31 -2.01
CA SER A 28 -15.28 22.21 -0.98
C SER A 28 -15.38 23.67 -1.41
N VAL A 29 -15.14 24.56 -0.44
CA VAL A 29 -15.07 25.99 -0.74
C VAL A 29 -14.01 26.30 -1.79
N PHE A 30 -13.04 25.42 -1.99
CA PHE A 30 -12.04 25.62 -3.03
C PHE A 30 -12.33 24.83 -4.31
N HIS A 31 -13.49 24.16 -4.39
CA HIS A 31 -13.92 23.41 -5.57
C HIS A 31 -13.77 24.11 -6.92
N ASP A 32 -14.28 25.31 -7.06
CA ASP A 32 -14.22 25.98 -8.36
C ASP A 32 -13.07 26.97 -8.44
N VAL A 33 -12.20 26.97 -7.40
CA VAL A 33 -11.02 27.84 -7.34
C VAL A 33 -9.83 27.20 -8.04
N PHE A 34 -9.69 25.89 -7.95
CA PHE A 34 -8.63 25.14 -8.62
C PHE A 34 -9.21 24.25 -9.69
N GLU A 35 -8.34 23.76 -10.56
CA GLU A 35 -8.69 22.84 -11.61
C GLU A 35 -8.45 21.41 -11.15
N GLY A 36 -9.15 20.48 -11.79
CA GLY A 36 -9.07 19.07 -11.47
C GLY A 36 -10.10 18.30 -12.28
N ASN A 37 -9.95 16.99 -12.29
CA ASN A 37 -10.78 16.15 -13.13
C ASN A 37 -11.37 14.94 -12.40
N LYS A 38 -11.20 14.83 -11.11
CA LYS A 38 -11.61 13.65 -10.37
C LYS A 38 -12.93 13.89 -9.63
N GLU A 39 -13.58 12.78 -9.26
CA GLU A 39 -14.91 12.80 -8.65
C GLU A 39 -14.97 11.60 -7.71
N PRO A 40 -15.94 11.58 -6.77
CA PRO A 40 -16.00 10.43 -5.86
C PRO A 40 -16.22 9.16 -6.66
N ALA A 41 -15.71 8.06 -6.15
CA ALA A 41 -15.80 6.83 -6.92
C ALA A 41 -17.25 6.34 -6.95
N VAL A 42 -17.56 5.50 -7.92
CA VAL A 42 -18.89 4.88 -7.97
C VAL A 42 -19.01 3.91 -6.80
N LEU A 43 -20.04 4.09 -5.98
CA LEU A 43 -20.27 3.26 -4.81
C LEU A 43 -21.53 2.40 -4.90
N HIS A 44 -22.36 2.60 -5.93
CA HIS A 44 -23.69 2.01 -6.02
C HIS A 44 -23.95 1.48 -7.42
N SER A 45 -24.68 0.36 -7.47
CA SER A 45 -24.93 -0.32 -8.75
C SER A 45 -25.55 0.61 -9.79
N LYS A 46 -26.50 1.44 -9.38
CA LYS A 46 -27.23 2.30 -10.31
C LYS A 46 -26.74 3.74 -10.29
N ASP A 47 -25.44 3.95 -10.27
CA ASP A 47 -24.92 5.30 -10.41
C ASP A 47 -25.15 5.80 -11.83
N PRO A 48 -25.72 6.99 -12.01
CA PRO A 48 -25.88 7.56 -13.36
C PRO A 48 -24.60 7.58 -14.16
N ARG A 49 -23.49 7.95 -13.52
CA ARG A 49 -22.22 8.11 -14.21
C ARG A 49 -21.72 6.81 -14.82
N LEU A 50 -22.31 5.68 -14.44
CA LEU A 50 -21.84 4.38 -14.91
C LEU A 50 -22.07 4.21 -16.41
N GLU A 51 -21.14 3.51 -17.04
CA GLU A 51 -21.29 3.15 -18.45
C GLU A 51 -21.15 1.65 -18.68
N VAL A 52 -20.91 0.86 -17.63
CA VAL A 52 -20.84 -0.59 -17.68
C VAL A 52 -21.57 -1.13 -16.46
N ASP A 53 -21.68 -2.44 -16.36
CA ASP A 53 -22.18 -3.04 -15.13
C ASP A 53 -21.13 -2.88 -14.04
N PHE A 54 -21.58 -2.50 -12.85
CA PHE A 54 -20.70 -2.11 -11.74
C PHE A 54 -19.84 -3.27 -11.23
N GLU A 55 -20.50 -4.30 -10.68
CA GLU A 55 -19.77 -5.38 -10.03
C GLU A 55 -18.79 -6.09 -10.98
N GLN A 56 -19.21 -6.34 -12.21
CA GLN A 56 -18.30 -6.97 -13.15
C GLN A 56 -17.04 -6.14 -13.29
N ALA A 57 -17.18 -4.82 -13.29
CA ALA A 57 -15.99 -3.99 -13.33
C ALA A 57 -15.25 -4.07 -11.99
N LEU A 58 -15.99 -4.10 -10.87
CA LEU A 58 -15.33 -4.13 -9.56
C LEU A 58 -14.36 -5.29 -9.46
N PHE A 59 -14.78 -6.49 -9.85
CA PHE A 59 -13.99 -7.71 -9.66
C PHE A 59 -13.18 -8.10 -10.88
N SER A 60 -13.11 -7.24 -11.91
CA SER A 60 -12.23 -7.58 -13.02
C SER A 60 -10.75 -7.51 -12.65
N LYS A 61 -10.40 -7.01 -11.45
CA LYS A 61 -9.00 -6.84 -11.08
C LYS A 61 -8.31 -8.18 -10.85
N TYR A 62 -9.08 -9.23 -10.59
CA TYR A 62 -8.53 -10.57 -10.45
C TYR A 62 -8.36 -11.09 -11.87
N VAL A 63 -7.23 -10.71 -12.49
CA VAL A 63 -6.95 -11.07 -13.88
C VAL A 63 -6.67 -12.55 -14.06
N GLY A 64 -6.31 -13.26 -13.01
CA GLY A 64 -6.02 -14.68 -13.13
C GLY A 64 -4.63 -15.01 -12.62
N ASN A 65 -4.29 -16.29 -12.75
CA ASN A 65 -3.03 -16.80 -12.25
C ASN A 65 -2.24 -17.44 -13.39
N THR A 66 -0.92 -17.41 -13.27
CA THR A 66 -0.06 -18.13 -14.20
C THR A 66 0.68 -19.16 -13.36
N LEU A 67 1.94 -18.93 -13.02
CA LEU A 67 2.68 -19.94 -12.26
C LEU A 67 2.05 -20.17 -10.89
N TYR A 68 1.99 -21.45 -10.49
CA TYR A 68 1.62 -21.81 -9.12
C TYR A 68 2.82 -22.24 -8.28
N GLU A 69 3.87 -22.74 -8.92
CA GLU A 69 5.06 -23.26 -8.29
C GLU A 69 6.27 -22.42 -8.69
N PRO A 70 7.22 -22.21 -7.78
CA PRO A 70 8.43 -21.46 -8.17
C PRO A 70 9.25 -22.25 -9.18
N ASP A 71 9.74 -21.55 -10.20
CA ASP A 71 10.75 -22.13 -11.09
C ASP A 71 12.14 -21.94 -10.47
N GLU A 72 13.19 -22.17 -11.26
CA GLU A 72 14.55 -22.00 -10.75
C GLU A 72 14.89 -20.53 -10.52
N TYR A 73 14.34 -19.63 -11.33
CA TYR A 73 14.65 -18.21 -11.18
C TYR A 73 14.03 -17.65 -9.90
N ILE A 74 12.79 -18.05 -9.61
CA ILE A 74 12.08 -17.52 -8.45
C ILE A 74 12.69 -18.09 -7.18
N LYS A 75 13.28 -19.27 -7.26
CA LYS A 75 13.98 -19.87 -6.12
C LYS A 75 15.24 -19.09 -5.79
N GLU A 76 16.10 -18.89 -6.80
CA GLU A 76 17.34 -18.13 -6.61
C GLU A 76 17.03 -16.71 -6.14
N ALA A 77 15.90 -16.15 -6.59
CA ALA A 77 15.55 -14.80 -6.20
C ALA A 77 15.08 -14.76 -4.76
N ALA A 78 14.23 -15.70 -4.36
CA ALA A 78 13.88 -15.82 -2.95
C ALA A 78 15.13 -15.95 -2.08
N LEU A 79 16.05 -16.85 -2.47
CA LEU A 79 17.25 -17.12 -1.69
C LEU A 79 18.16 -15.91 -1.54
N HIS A 80 18.37 -15.18 -2.64
CA HIS A 80 19.19 -13.98 -2.57
C HIS A 80 18.61 -12.98 -1.59
N TYR A 81 17.32 -12.67 -1.72
CA TYR A 81 16.67 -11.76 -0.78
C TYR A 81 16.73 -12.34 0.62
N ALA A 82 16.32 -13.60 0.78
CA ALA A 82 16.30 -14.22 2.09
C ALA A 82 17.66 -14.06 2.77
N ASN A 83 18.74 -14.28 2.03
CA ASN A 83 20.07 -14.14 2.59
C ASN A 83 20.38 -12.69 2.95
N GLN A 84 19.87 -11.74 2.16
CA GLN A 84 20.16 -10.32 2.41
C GLN A 84 19.57 -9.86 3.73
N LEU A 85 18.46 -10.50 4.15
CA LEU A 85 17.74 -10.17 5.37
C LEU A 85 18.42 -10.69 6.63
N LYS A 86 19.35 -11.64 6.50
CA LYS A 86 19.89 -12.32 7.67
C LYS A 86 20.70 -11.36 8.53
N GLN A 87 21.32 -10.36 7.92
CA GLN A 87 22.11 -9.41 8.68
C GLN A 87 21.25 -8.59 9.63
N LEU A 88 19.93 -8.58 9.42
CA LEU A 88 19.01 -7.88 10.29
C LEU A 88 18.74 -8.63 11.60
N ASP A 89 18.98 -9.94 11.63
CA ASP A 89 18.72 -10.81 12.78
C ASP A 89 17.31 -10.64 13.34
N ILE A 90 16.33 -10.94 12.47
CA ILE A 90 14.92 -10.80 12.82
C ILE A 90 14.56 -11.80 13.91
N ASP A 91 13.88 -11.32 14.96
CA ASP A 91 13.36 -12.24 15.99
C ASP A 91 12.24 -13.09 15.40
N THR A 92 12.56 -14.34 15.02
CA THR A 92 11.51 -15.22 14.49
C THR A 92 10.66 -15.86 15.57
N SER A 93 10.86 -15.51 16.83
CA SER A 93 10.04 -16.05 17.89
C SER A 93 8.66 -15.37 17.91
N GLN A 94 7.68 -16.08 18.46
CA GLN A 94 6.33 -15.54 18.57
C GLN A 94 6.28 -14.40 19.58
N MET A 95 5.64 -13.30 19.18
CA MET A 95 5.46 -12.15 20.05
C MET A 95 4.24 -12.37 20.93
N SER A 96 4.19 -11.71 22.08
CA SER A 96 3.12 -11.95 23.04
C SER A 96 1.81 -11.30 22.61
N MET A 97 0.69 -11.92 23.05
CA MET A 97 -0.60 -11.38 22.69
C MET A 97 -0.82 -9.99 23.25
N GLU A 98 -0.18 -9.64 24.38
CA GLU A 98 -0.30 -8.26 24.85
C GLU A 98 0.38 -7.31 23.89
N GLU A 99 1.60 -7.67 23.45
CA GLU A 99 2.36 -6.81 22.56
C GLU A 99 1.71 -6.73 21.19
N ALA A 100 1.21 -7.85 20.68
CA ALA A 100 0.53 -7.85 19.38
C ALA A 100 -0.72 -6.96 19.39
N CYS A 101 -1.46 -6.94 20.50
CA CYS A 101 -2.69 -6.14 20.48
C CYS A 101 -2.40 -4.67 20.74
N TYR A 102 -1.50 -4.38 21.68
CA TYR A 102 -1.36 -3.04 22.23
C TYR A 102 -0.09 -2.30 21.81
N GLY A 103 0.88 -2.95 21.17
CA GLY A 103 1.93 -2.25 20.46
C GLY A 103 3.29 -2.38 21.13
N THR A 104 4.31 -1.95 20.41
CA THR A 104 5.66 -1.85 20.93
C THR A 104 6.26 -0.53 20.43
N GLU A 105 7.55 -0.34 20.73
CA GLU A 105 8.22 0.84 20.20
C GLU A 105 8.17 0.87 18.68
N ASN A 106 8.37 -0.29 18.05
CA ASN A 106 8.44 -0.40 16.60
C ASN A 106 7.25 -1.15 16.00
N LEU A 107 6.05 -0.97 16.57
CA LEU A 107 4.82 -1.54 16.00
C LEU A 107 3.59 -0.94 16.68
N GLU A 108 2.88 -0.03 15.99
CA GLU A 108 1.75 0.65 16.60
C GLU A 108 0.70 -0.37 17.02
N ALA A 109 -0.17 0.02 17.96
CA ALA A 109 -1.19 -0.90 18.42
C ALA A 109 -2.29 -1.08 17.38
N ILE A 110 -3.08 -2.14 17.56
CA ILE A 110 -4.24 -2.37 16.70
C ILE A 110 -5.16 -1.17 16.73
N ASP A 111 -5.50 -0.66 15.55
CA ASP A 111 -6.33 0.53 15.41
C ASP A 111 -7.71 0.27 16.02
N LEU A 112 -8.15 1.14 16.94
CA LEU A 112 -9.40 0.89 17.65
C LEU A 112 -10.57 1.82 17.25
N HIS A 113 -10.35 2.80 16.38
CA HIS A 113 -11.44 3.53 15.77
C HIS A 113 -11.84 2.94 14.43
N THR A 114 -11.78 1.62 14.29
CA THR A 114 -11.91 1.00 12.98
C THR A 114 -12.50 -0.40 13.19
N SER A 115 -13.16 -0.95 12.17
CA SER A 115 -13.99 -2.17 12.34
C SER A 115 -13.18 -3.41 12.73
N ALA A 116 -13.85 -4.32 13.46
CA ALA A 116 -13.27 -5.57 13.91
C ALA A 116 -13.50 -6.71 12.94
N GLY A 117 -14.33 -6.49 11.92
CA GLY A 117 -14.46 -7.45 10.84
C GLY A 117 -15.40 -8.60 11.15
N TYR A 118 -15.31 -9.63 10.31
CA TYR A 118 -16.21 -10.76 10.44
C TYR A 118 -15.86 -11.57 11.69
N PRO A 119 -16.86 -11.92 12.54
CA PRO A 119 -18.29 -11.67 12.36
C PRO A 119 -18.78 -10.53 13.23
N TYR A 120 -17.87 -9.85 13.96
CA TYR A 120 -18.25 -8.79 14.88
C TYR A 120 -19.00 -7.67 14.18
N SER A 121 -18.46 -7.16 13.07
CA SER A 121 -19.13 -6.08 12.37
C SER A 121 -20.56 -6.44 11.94
N ALA A 122 -20.97 -7.70 12.08
CA ALA A 122 -22.37 -8.06 11.87
C ALA A 122 -23.13 -8.29 13.17
N LEU A 123 -22.43 -8.57 14.26
CA LEU A 123 -22.99 -8.76 15.59
C LEU A 123 -23.03 -7.47 16.41
N GLY A 124 -22.74 -6.33 15.80
CA GLY A 124 -22.64 -5.10 16.56
C GLY A 124 -21.51 -5.04 17.58
N ILE A 125 -20.51 -5.91 17.52
CA ILE A 125 -19.38 -5.86 18.42
C ILE A 125 -18.28 -5.00 17.81
N LYS A 126 -17.80 -4.01 18.57
CA LYS A 126 -16.69 -3.18 18.14
C LYS A 126 -15.40 -3.69 18.77
N LYS A 127 -14.26 -3.24 18.22
CA LYS A 127 -12.98 -3.58 18.83
C LYS A 127 -12.93 -3.10 20.27
N ARG A 128 -13.51 -1.93 20.53
CA ARG A 128 -13.45 -1.27 21.83
C ARG A 128 -14.08 -2.14 22.91
N ASP A 129 -15.00 -3.03 22.54
CA ASP A 129 -15.61 -3.94 23.50
C ASP A 129 -14.67 -5.07 23.91
N ILE A 130 -13.60 -5.31 23.16
CA ILE A 130 -12.69 -6.41 23.43
C ILE A 130 -11.33 -5.94 23.92
N LEU A 131 -10.88 -4.75 23.50
CA LEU A 131 -9.55 -4.27 23.84
C LEU A 131 -9.69 -2.98 24.63
N ASP A 132 -8.65 -2.65 25.40
CA ASP A 132 -8.64 -1.39 26.15
C ASP A 132 -7.20 -0.94 26.30
N SER A 133 -6.87 0.19 25.67
CA SER A 133 -5.50 0.72 25.71
C SER A 133 -4.99 0.84 27.14
N THR A 134 -5.82 1.37 28.04
CA THR A 134 -5.41 1.62 29.41
C THR A 134 -5.33 0.34 30.22
N THR A 135 -6.28 -0.58 30.04
CA THR A 135 -6.21 -1.84 30.76
C THR A 135 -5.07 -2.72 30.28
N ARG A 136 -4.70 -2.59 29.00
CA ARG A 136 -3.87 -3.56 28.29
C ARG A 136 -4.39 -4.98 28.55
N ASP A 137 -5.71 -5.12 28.58
CA ASP A 137 -6.35 -6.41 28.84
C ASP A 137 -6.28 -7.30 27.61
N VAL A 138 -5.61 -8.43 27.73
CA VAL A 138 -5.66 -9.47 26.71
C VAL A 138 -6.60 -10.59 27.11
N SER A 139 -7.50 -10.33 28.07
CA SER A 139 -8.42 -11.35 28.58
C SER A 139 -9.55 -11.62 27.60
N LYS A 140 -10.30 -10.59 27.21
CA LYS A 140 -11.44 -10.80 26.33
C LYS A 140 -10.99 -11.27 24.94
N MET A 141 -9.83 -10.80 24.48
CA MET A 141 -9.33 -11.24 23.16
C MET A 141 -9.14 -12.76 23.10
N LYS A 142 -8.40 -13.33 24.06
CA LYS A 142 -8.14 -14.77 24.04
C LYS A 142 -9.41 -15.59 24.15
N PHE A 143 -10.49 -15.02 24.68
CA PHE A 143 -11.77 -15.73 24.73
C PHE A 143 -12.43 -15.77 23.35
N TYR A 144 -12.44 -14.64 22.64
CA TYR A 144 -13.02 -14.58 21.31
C TYR A 144 -12.14 -15.23 20.26
N MET A 145 -10.83 -15.31 20.48
CA MET A 145 -9.99 -16.12 19.61
C MET A 145 -10.50 -17.55 19.57
N ASP A 146 -10.81 -18.12 20.73
CA ASP A 146 -11.25 -19.50 20.82
C ASP A 146 -12.75 -19.66 20.67
N LYS A 147 -13.49 -18.55 20.46
CA LYS A 147 -14.92 -18.63 20.13
C LYS A 147 -15.13 -18.76 18.63
N TYR A 148 -14.51 -17.90 17.83
CA TYR A 148 -14.74 -17.85 16.41
C TYR A 148 -13.61 -18.47 15.59
N GLY A 149 -12.52 -18.89 16.21
CA GLY A 149 -11.41 -19.49 15.50
C GLY A 149 -10.72 -18.50 14.58
N LEU A 150 -9.82 -19.03 13.74
CA LEU A 150 -9.03 -18.26 12.79
C LEU A 150 -9.50 -18.53 11.36
N ASP A 151 -8.88 -17.85 10.39
CA ASP A 151 -9.29 -17.90 8.97
C ASP A 151 -10.75 -17.46 8.78
N LEU A 152 -11.15 -16.39 9.48
CA LEU A 152 -12.45 -15.84 9.16
C LEU A 152 -12.38 -15.05 7.85
N PRO A 153 -13.49 -14.99 7.12
CA PRO A 153 -13.49 -14.32 5.80
C PRO A 153 -13.35 -12.80 5.87
N TYR A 154 -12.75 -12.26 4.81
CA TYR A 154 -12.52 -10.83 4.66
C TYR A 154 -13.79 -10.09 4.24
N SER A 155 -14.10 -8.98 4.91
CA SER A 155 -15.29 -8.19 4.62
C SER A 155 -15.02 -7.18 3.50
N THR A 156 -15.70 -7.34 2.37
CA THR A 156 -15.43 -6.51 1.20
C THR A 156 -16.27 -5.24 1.23
N TYR A 157 -15.62 -4.10 1.03
CA TYR A 157 -16.24 -2.80 0.92
C TYR A 157 -15.65 -2.07 -0.28
N VAL A 158 -16.45 -1.26 -0.93
CA VAL A 158 -15.96 -0.32 -1.93
C VAL A 158 -15.31 0.85 -1.23
N LYS A 159 -14.15 1.29 -1.75
CA LYS A 159 -13.40 2.38 -1.13
C LYS A 159 -14.01 3.71 -1.57
N ASP A 160 -14.26 4.59 -0.61
CA ASP A 160 -14.75 5.93 -0.87
C ASP A 160 -13.56 6.89 -1.03
N GLU A 161 -13.34 7.37 -2.24
CA GLU A 161 -12.15 8.12 -2.60
C GLU A 161 -12.33 8.74 -3.98
N LEU A 162 -11.50 9.73 -4.29
CA LEU A 162 -11.52 10.39 -5.59
C LEU A 162 -10.82 9.53 -6.62
N ARG A 163 -11.48 9.29 -7.76
CA ARG A 163 -10.94 8.53 -8.87
C ARG A 163 -11.05 9.40 -10.12
N SER A 164 -10.33 9.06 -11.16
CA SER A 164 -10.41 9.87 -12.37
C SER A 164 -11.76 9.63 -13.07
N ILE A 165 -12.02 10.39 -14.14
CA ILE A 165 -13.31 10.30 -14.83
C ILE A 165 -13.51 8.90 -15.41
N ASP A 166 -12.52 8.42 -16.18
CA ASP A 166 -12.51 7.05 -16.70
C ASP A 166 -12.98 6.03 -15.69
N LYS A 167 -12.25 5.88 -14.58
CA LYS A 167 -12.54 4.80 -13.63
C LYS A 167 -13.96 4.90 -13.06
N ILE A 168 -14.62 6.06 -13.22
CA ILE A 168 -16.02 6.22 -12.81
C ILE A 168 -16.96 5.71 -13.88
N LYS A 169 -16.75 6.16 -15.13
CA LYS A 169 -17.49 5.63 -16.27
C LYS A 169 -17.36 4.12 -16.33
N LYS A 170 -16.11 3.62 -16.32
CA LYS A 170 -15.78 2.19 -16.44
C LYS A 170 -15.99 1.39 -15.14
N GLY A 171 -16.45 2.00 -14.06
CA GLY A 171 -16.82 1.24 -12.89
C GLY A 171 -15.67 0.75 -12.04
N LYS A 172 -14.45 1.25 -12.28
CA LYS A 172 -13.23 0.68 -11.72
C LYS A 172 -12.91 1.28 -10.35
N SER A 173 -13.82 1.04 -9.40
CA SER A 173 -13.59 1.42 -8.02
C SER A 173 -12.68 0.39 -7.34
N ARG A 174 -12.00 0.83 -6.31
CA ARG A 174 -11.18 -0.07 -5.52
C ARG A 174 -12.02 -0.77 -4.44
N LEU A 175 -11.57 -1.95 -4.04
CA LEU A 175 -12.18 -2.69 -2.94
C LEU A 175 -11.18 -2.84 -1.81
N ILE A 176 -11.66 -2.77 -0.56
CA ILE A 176 -10.80 -3.07 0.58
C ILE A 176 -11.28 -4.41 1.12
N GLU A 177 -10.36 -5.15 1.72
CA GLU A 177 -10.59 -6.53 2.16
C GLU A 177 -10.43 -6.53 3.67
N ALA A 178 -11.52 -6.27 4.38
CA ALA A 178 -11.41 -6.04 5.81
C ALA A 178 -11.21 -7.35 6.56
N SER A 179 -10.10 -7.43 7.28
CA SER A 179 -9.73 -8.62 8.01
C SER A 179 -10.50 -8.72 9.31
N SER A 180 -10.54 -9.93 9.84
CA SER A 180 -11.10 -10.16 11.16
C SER A 180 -10.05 -9.86 12.22
N LEU A 181 -10.46 -9.21 13.30
CA LEU A 181 -9.52 -8.92 14.37
C LEU A 181 -8.83 -10.18 14.85
N ASN A 182 -9.46 -11.34 14.68
CA ASN A 182 -8.84 -12.59 15.12
C ASN A 182 -7.60 -12.89 14.31
N ASP A 183 -7.65 -12.67 12.99
CA ASP A 183 -6.50 -12.92 12.13
C ASP A 183 -5.44 -11.86 12.30
N SER A 184 -5.85 -10.59 12.46
CA SER A 184 -4.89 -9.52 12.73
C SER A 184 -4.11 -9.79 14.00
N VAL A 185 -4.78 -10.31 15.03
CA VAL A 185 -4.07 -10.59 16.27
C VAL A 185 -3.06 -11.70 16.06
N TYR A 186 -3.46 -12.75 15.36
CA TYR A 186 -2.56 -13.88 15.16
C TYR A 186 -1.40 -13.51 14.24
N LEU A 187 -1.71 -12.95 13.07
CA LEU A 187 -0.68 -12.41 12.17
C LEU A 187 0.30 -11.51 12.89
N ARG A 188 -0.19 -10.61 13.75
CA ARG A 188 0.71 -9.79 14.54
C ARG A 188 1.52 -10.62 15.54
N MET A 189 0.92 -11.67 16.13
CA MET A 189 1.68 -12.49 17.07
C MET A 189 2.76 -13.31 16.38
N THR A 190 2.61 -13.63 15.11
CA THR A 190 3.51 -14.56 14.44
C THR A 190 4.65 -13.83 13.74
N PHE A 191 4.40 -12.62 13.26
CA PHE A 191 5.39 -11.85 12.51
C PHE A 191 5.65 -10.47 13.08
N GLY A 192 5.18 -10.17 14.29
CA GLY A 192 5.30 -8.81 14.80
C GLY A 192 6.73 -8.32 14.88
N HIS A 193 7.66 -9.21 15.20
CA HIS A 193 9.07 -8.84 15.31
C HIS A 193 9.67 -8.49 13.95
N LEU A 194 9.36 -9.30 12.93
CA LEU A 194 9.67 -8.92 11.56
C LEU A 194 9.10 -7.54 11.22
N TYR A 195 7.85 -7.27 11.61
CA TYR A 195 7.29 -5.94 11.43
C TYR A 195 8.16 -4.87 12.07
N GLU A 196 8.48 -5.07 13.35
CA GLU A 196 9.38 -4.18 14.08
C GLU A 196 10.63 -3.87 13.26
N THR A 197 11.36 -4.91 12.86
CA THR A 197 12.57 -4.74 12.06
C THR A 197 12.30 -3.90 10.82
N PHE A 198 11.26 -4.24 10.06
CA PHE A 198 10.99 -3.55 8.81
C PHE A 198 10.65 -2.07 9.02
N HIS A 199 9.94 -1.74 10.11
CA HIS A 199 9.64 -0.34 10.41
C HIS A 199 10.88 0.40 10.89
N ALA A 200 11.77 -0.29 11.59
CA ALA A 200 12.98 0.28 12.13
C ALA A 200 14.12 0.39 11.11
N ASN A 201 13.94 -0.07 9.87
CA ASN A 201 15.02 -0.12 8.88
C ASN A 201 14.54 0.16 7.46
N PRO A 202 13.88 1.29 7.23
CA PRO A 202 13.59 1.65 5.84
C PRO A 202 14.89 1.84 5.09
N GLY A 203 15.09 1.04 4.06
CA GLY A 203 16.26 1.18 3.23
C GLY A 203 16.52 -0.08 2.44
N THR A 204 17.75 -0.18 1.96
CA THR A 204 18.06 -1.13 0.89
C THR A 204 18.55 -2.46 1.42
N VAL A 205 18.51 -2.69 2.73
CA VAL A 205 18.70 -4.02 3.28
C VAL A 205 17.36 -4.73 3.41
N THR A 206 16.37 -4.07 4.04
CA THR A 206 14.99 -4.52 3.95
C THR A 206 14.42 -4.37 2.54
N GLY A 207 14.94 -3.43 1.74
CA GLY A 207 14.30 -3.07 0.49
C GLY A 207 12.93 -2.46 0.69
N SER A 208 12.65 -2.04 1.92
CA SER A 208 11.33 -1.60 2.32
C SER A 208 11.40 -0.12 2.68
N ALA A 209 10.60 0.70 2.00
CA ALA A 209 10.44 2.12 2.29
C ALA A 209 9.42 2.36 3.39
N VAL A 210 8.78 1.30 3.91
CA VAL A 210 7.80 1.47 4.97
C VAL A 210 8.49 2.04 6.21
N GLY A 211 7.93 3.12 6.74
CA GLY A 211 8.49 3.72 7.92
C GLY A 211 9.35 4.93 7.63
N CYS A 212 9.63 5.19 6.37
CA CYS A 212 10.46 6.32 5.98
C CYS A 212 9.68 7.64 6.06
N ASN A 213 10.43 8.73 6.27
CA ASN A 213 9.94 10.09 6.23
C ASN A 213 10.49 10.80 5.00
N PRO A 214 9.69 11.01 3.94
CA PRO A 214 10.23 11.59 2.70
C PRO A 214 11.05 12.85 2.89
N ASP A 215 10.77 13.67 3.91
CA ASP A 215 11.56 14.90 4.08
C ASP A 215 13.04 14.61 4.22
N THR A 216 13.42 13.50 4.84
CA THR A 216 14.83 13.17 5.03
C THR A 216 15.26 11.92 4.28
N PHE A 217 14.36 10.98 4.07
CA PHE A 217 14.66 9.82 3.25
C PHE A 217 15.01 10.20 1.82
N TRP A 218 14.34 11.22 1.27
CA TRP A 218 14.67 11.56 -0.10
C TRP A 218 16.14 11.96 -0.27
N SER A 219 16.81 12.38 0.79
CA SER A 219 18.18 12.80 0.52
C SER A 219 19.15 11.64 0.58
N LYS A 220 18.73 10.51 1.14
CA LYS A 220 19.51 9.28 1.17
C LYS A 220 19.35 8.46 -0.12
N LEU A 221 18.15 8.48 -0.72
CA LEU A 221 17.91 7.65 -1.89
C LEU A 221 18.99 7.73 -2.96
N PRO A 222 19.49 8.90 -3.38
CA PRO A 222 20.52 8.89 -4.43
C PRO A 222 21.84 8.26 -3.99
N ILE A 223 22.05 8.08 -2.69
CA ILE A 223 23.24 7.38 -2.22
C ILE A 223 22.94 5.90 -2.04
N LEU A 224 21.71 5.56 -1.63
CA LEU A 224 21.29 4.17 -1.49
C LEU A 224 21.10 3.45 -2.83
N LEU A 225 20.68 4.16 -3.89
CA LEU A 225 20.50 3.60 -5.21
C LEU A 225 21.54 4.22 -6.15
N PRO A 226 22.77 3.73 -6.14
CA PRO A 226 23.77 4.29 -7.04
C PRO A 226 23.70 3.67 -8.43
N GLY A 227 24.16 4.44 -9.41
CA GLY A 227 24.22 3.95 -10.76
C GLY A 227 22.95 4.25 -11.53
N SER A 228 22.65 3.43 -12.54
CA SER A 228 21.46 3.63 -13.36
C SER A 228 20.21 3.19 -12.60
N LEU A 229 19.26 4.12 -12.53
CA LEU A 229 17.91 3.90 -12.00
C LEU A 229 17.04 3.15 -13.00
N PHE A 230 16.17 2.28 -12.48
CA PHE A 230 15.03 1.83 -13.27
C PHE A 230 13.78 1.76 -12.41
N ALA A 231 12.63 2.05 -13.03
CA ALA A 231 11.34 1.90 -12.38
C ALA A 231 10.24 1.61 -13.39
N PHE A 232 9.08 1.29 -12.87
CA PHE A 232 7.91 0.95 -13.68
C PHE A 232 6.70 0.88 -12.76
N ASP A 233 5.51 0.85 -13.37
CA ASP A 233 4.26 0.74 -12.64
C ASP A 233 3.65 -0.63 -12.86
N TYR A 234 2.92 -1.10 -11.87
CA TYR A 234 2.12 -2.29 -12.08
C TYR A 234 0.67 -1.87 -12.28
N SER A 235 -0.04 -2.64 -13.10
CA SER A 235 -1.49 -2.54 -13.20
C SER A 235 -2.11 -3.62 -12.32
N GLY A 236 -2.52 -3.26 -11.12
CA GLY A 236 -3.26 -4.19 -10.28
C GLY A 236 -2.38 -5.18 -9.56
N TYR A 237 -1.22 -4.72 -9.10
CA TYR A 237 -0.25 -5.53 -8.38
C TYR A 237 -0.89 -6.50 -7.39
N ASP A 238 -1.61 -5.97 -6.39
CA ASP A 238 -2.15 -6.80 -5.33
C ASP A 238 -2.93 -8.00 -5.88
N ALA A 239 -3.88 -7.72 -6.78
CA ALA A 239 -4.76 -8.75 -7.34
C ALA A 239 -4.09 -9.60 -8.40
N SER A 240 -3.02 -9.10 -9.04
CA SER A 240 -2.32 -9.89 -10.04
C SER A 240 -1.38 -10.91 -9.44
N LEU A 241 -1.10 -10.85 -8.15
CA LEU A 241 -0.12 -11.76 -7.57
C LEU A 241 -0.60 -13.18 -7.78
N SER A 242 0.18 -13.98 -8.57
CA SER A 242 -0.13 -15.39 -8.78
C SER A 242 0.31 -16.19 -7.57
N PRO A 243 -0.26 -17.39 -7.34
CA PRO A 243 0.09 -18.13 -6.12
C PRO A 243 1.59 -18.39 -5.99
N VAL A 244 2.34 -18.30 -7.09
CA VAL A 244 3.77 -18.59 -7.02
C VAL A 244 4.48 -17.67 -6.04
N TRP A 245 4.09 -16.40 -5.99
CA TRP A 245 4.78 -15.42 -5.17
C TRP A 245 4.55 -15.67 -3.68
N PHE A 246 3.41 -16.24 -3.32
CA PHE A 246 3.23 -16.65 -1.95
C PHE A 246 4.08 -17.88 -1.63
N ARG A 247 4.20 -18.80 -2.57
CA ARG A 247 5.20 -19.85 -2.47
C ARG A 247 6.61 -19.27 -2.30
N ALA A 248 6.96 -18.27 -3.11
CA ALA A 248 8.24 -17.59 -2.96
C ALA A 248 8.40 -16.97 -1.57
N LEU A 249 7.39 -16.22 -1.12
CA LEU A 249 7.45 -15.65 0.23
C LEU A 249 7.72 -16.71 1.29
N GLU A 250 7.12 -17.90 1.14
CA GLU A 250 7.37 -19.01 2.05
C GLU A 250 8.84 -19.46 2.03
N LEU A 251 9.45 -19.50 0.85
CA LEU A 251 10.89 -19.75 0.74
C LEU A 251 11.72 -18.75 1.53
N VAL A 252 11.35 -17.46 1.46
CA VAL A 252 12.13 -16.46 2.18
C VAL A 252 11.91 -16.60 3.68
N LEU A 253 10.68 -16.91 4.10
CA LEU A 253 10.39 -16.95 5.53
C LEU A 253 11.13 -18.10 6.20
N ARG A 254 11.23 -19.24 5.53
CA ARG A 254 11.93 -20.38 6.11
C ARG A 254 13.43 -20.12 6.19
N GLU A 255 14.02 -19.56 5.12
CA GLU A 255 15.46 -19.37 5.08
C GLU A 255 15.92 -18.47 6.21
N ILE A 256 15.07 -17.51 6.59
CA ILE A 256 15.46 -16.64 7.70
C ILE A 256 15.12 -17.26 9.03
N GLY A 257 14.64 -18.51 9.04
CA GLY A 257 14.50 -19.27 10.24
C GLY A 257 13.14 -19.28 10.89
N TYR A 258 12.07 -19.02 10.15
CA TYR A 258 10.73 -19.14 10.74
C TYR A 258 10.31 -20.59 10.89
N SER A 259 9.58 -20.86 11.98
CA SER A 259 9.05 -22.20 12.22
C SER A 259 8.09 -22.59 11.12
N GLU A 260 7.96 -23.90 10.88
CA GLU A 260 7.00 -24.35 9.88
C GLU A 260 5.59 -23.92 10.25
N GLU A 261 5.26 -24.00 11.55
CA GLU A 261 3.98 -23.50 12.02
C GLU A 261 3.76 -22.07 11.59
N ALA A 262 4.80 -21.23 11.73
CA ALA A 262 4.70 -19.86 11.27
C ALA A 262 4.52 -19.80 9.76
N VAL A 263 5.29 -20.60 9.02
CA VAL A 263 5.26 -20.46 7.57
C VAL A 263 3.93 -20.93 7.01
N SER A 264 3.26 -21.87 7.69
CA SER A 264 2.00 -22.38 7.20
C SER A 264 0.97 -21.28 7.04
N LEU A 265 1.13 -20.17 7.76
CA LEU A 265 0.14 -19.11 7.73
C LEU A 265 0.06 -18.41 6.39
N VAL A 266 1.00 -18.65 5.47
CA VAL A 266 1.03 -17.88 4.22
C VAL A 266 -0.04 -18.40 3.27
N GLU A 267 -0.33 -19.70 3.32
CA GLU A 267 -1.42 -20.21 2.50
C GLU A 267 -2.74 -19.61 2.92
N GLY A 268 -2.87 -19.23 4.19
CA GLY A 268 -4.04 -18.51 4.68
C GLY A 268 -4.30 -17.18 4.00
N ILE A 269 -3.39 -16.73 3.15
CA ILE A 269 -3.55 -15.44 2.48
C ILE A 269 -3.38 -15.55 0.97
N ASN A 270 -2.74 -16.61 0.49
CA ASN A 270 -2.86 -17.00 -0.91
C ASN A 270 -4.27 -17.47 -1.24
N HIS A 271 -4.93 -18.15 -0.30
CA HIS A 271 -6.26 -18.72 -0.50
C HIS A 271 -7.20 -18.06 0.50
N THR A 272 -7.99 -17.10 0.07
CA THR A 272 -8.90 -16.41 0.99
C THR A 272 -10.34 -16.45 0.51
N HIS A 273 -11.25 -16.40 1.49
CA HIS A 273 -12.68 -16.32 1.22
C HIS A 273 -13.17 -14.92 1.59
N HIS A 274 -14.25 -14.47 0.97
CA HIS A 274 -14.68 -13.09 1.15
C HIS A 274 -16.20 -13.02 1.13
N VAL A 275 -16.75 -12.09 1.89
CA VAL A 275 -18.17 -11.79 1.85
C VAL A 275 -18.37 -10.37 1.32
N TYR A 276 -19.17 -10.24 0.26
CA TYR A 276 -19.59 -8.96 -0.31
C TYR A 276 -21.11 -8.91 -0.37
N ARG A 277 -21.71 -8.05 0.46
CA ARG A 277 -23.17 -8.02 0.59
C ARG A 277 -23.71 -9.38 0.98
N ASN A 278 -24.39 -10.08 0.07
CA ASN A 278 -25.07 -11.34 0.37
C ASN A 278 -24.44 -12.56 -0.31
N LYS A 279 -23.20 -12.45 -0.76
CA LYS A 279 -22.53 -13.54 -1.43
C LYS A 279 -21.16 -13.78 -0.79
N THR A 280 -20.74 -15.05 -0.82
CA THR A 280 -19.42 -15.48 -0.39
C THR A 280 -18.62 -15.81 -1.64
N TYR A 281 -17.33 -15.46 -1.64
CA TYR A 281 -16.51 -15.82 -2.78
C TYR A 281 -15.12 -16.20 -2.32
N CYS A 282 -14.43 -16.91 -3.21
CA CYS A 282 -13.12 -17.52 -2.99
C CYS A 282 -12.11 -16.84 -3.88
N VAL A 283 -10.93 -16.50 -3.33
CA VAL A 283 -9.89 -15.88 -4.14
C VAL A 283 -8.59 -16.66 -3.95
N LEU A 284 -8.07 -17.19 -5.06
CA LEU A 284 -6.79 -17.89 -5.08
C LEU A 284 -5.73 -16.99 -5.72
N GLY A 285 -4.75 -16.60 -4.93
CA GLY A 285 -3.85 -15.55 -5.32
C GLY A 285 -4.39 -14.20 -4.88
N GLY A 286 -3.61 -13.17 -5.17
CA GLY A 286 -4.00 -11.83 -4.82
C GLY A 286 -3.82 -11.53 -3.34
N MET A 287 -3.17 -10.39 -3.03
CA MET A 287 -2.94 -9.96 -1.65
C MET A 287 -4.15 -9.22 -1.10
N PRO A 288 -4.81 -9.74 -0.08
CA PRO A 288 -5.93 -9.00 0.53
C PRO A 288 -5.47 -7.65 1.06
N SER A 289 -6.17 -6.59 0.68
CA SER A 289 -5.73 -5.24 1.04
C SER A 289 -5.63 -5.08 2.56
N GLY A 290 -6.66 -5.51 3.28
CA GLY A 290 -6.74 -5.18 4.69
C GLY A 290 -6.24 -6.18 5.73
N MET A 291 -5.16 -6.93 5.45
CA MET A 291 -4.69 -7.85 6.46
C MET A 291 -3.45 -7.29 7.14
N SER A 292 -3.31 -7.62 8.42
CA SER A 292 -2.09 -7.30 9.18
C SER A 292 -0.80 -7.72 8.50
N GLY A 293 -0.20 -6.86 7.69
CA GLY A 293 1.08 -7.17 7.10
C GLY A 293 1.14 -6.90 5.61
N THR A 294 -0.01 -6.66 4.99
CA THR A 294 -0.09 -6.40 3.56
C THR A 294 1.10 -5.59 3.01
N SER A 295 1.38 -4.40 3.55
CA SER A 295 2.43 -3.57 2.92
C SER A 295 3.77 -4.27 2.97
N ILE A 296 4.19 -4.72 4.16
CA ILE A 296 5.49 -5.36 4.30
C ILE A 296 5.60 -6.55 3.36
N PHE A 297 4.61 -7.46 3.42
CA PHE A 297 4.59 -8.63 2.53
C PHE A 297 4.57 -8.25 1.05
N ASN A 298 3.69 -7.34 0.62
CA ASN A 298 3.78 -6.89 -0.76
C ASN A 298 5.18 -6.38 -1.08
N SER A 299 5.82 -5.76 -0.10
CA SER A 299 7.15 -5.19 -0.26
C SER A 299 8.20 -6.27 -0.34
N MET A 300 8.08 -7.28 0.50
CA MET A 300 8.94 -8.43 0.37
C MET A 300 8.75 -9.11 -0.98
N ILE A 301 7.52 -9.52 -1.29
CA ILE A 301 7.21 -10.15 -2.56
C ILE A 301 7.82 -9.38 -3.72
N ASN A 302 7.75 -8.05 -3.67
CA ASN A 302 8.32 -7.23 -4.74
C ASN A 302 9.81 -7.46 -4.83
N ASN A 303 10.48 -7.61 -3.70
CA ASN A 303 11.92 -7.88 -3.72
C ASN A 303 12.22 -9.18 -4.43
N ILE A 304 11.41 -10.21 -4.19
CA ILE A 304 11.56 -11.46 -4.91
C ILE A 304 11.32 -11.26 -6.39
N ILE A 305 10.37 -10.39 -6.73
CA ILE A 305 9.94 -10.25 -8.11
C ILE A 305 11.05 -9.62 -8.96
N ILE A 306 11.66 -8.54 -8.47
CA ILE A 306 12.63 -7.82 -9.28
C ILE A 306 13.85 -8.68 -9.53
N ARG A 307 14.30 -9.38 -8.49
CA ARG A 307 15.44 -10.29 -8.64
C ARG A 307 15.15 -11.37 -9.69
N ALA A 308 13.99 -12.01 -9.58
CA ALA A 308 13.62 -13.04 -10.54
C ALA A 308 13.49 -12.46 -11.93
N LEU A 309 12.77 -11.35 -12.07
CA LEU A 309 12.62 -10.74 -13.39
C LEU A 309 13.98 -10.45 -13.98
N LEU A 310 14.90 -9.88 -13.18
CA LEU A 310 16.23 -9.57 -13.67
C LEU A 310 16.93 -10.82 -14.19
N ILE A 311 17.02 -11.86 -13.36
CA ILE A 311 17.88 -12.98 -13.73
C ILE A 311 17.21 -13.93 -14.73
N LYS A 312 15.90 -13.83 -14.95
CA LYS A 312 15.29 -14.57 -16.06
C LYS A 312 15.26 -13.77 -17.36
N THR A 313 15.59 -12.48 -17.32
CA THR A 313 15.53 -11.64 -18.51
C THR A 313 16.89 -11.40 -19.14
N PHE A 314 17.92 -11.18 -18.32
CA PHE A 314 19.25 -10.84 -18.80
C PHE A 314 20.28 -11.85 -18.31
N LYS A 315 21.36 -11.96 -19.08
CA LYS A 315 22.48 -12.86 -18.78
C LYS A 315 23.51 -12.13 -17.93
N GLY A 316 24.10 -12.86 -16.99
CA GLY A 316 25.17 -12.30 -16.19
C GLY A 316 24.71 -11.13 -15.37
N ILE A 317 23.60 -11.30 -14.68
CA ILE A 317 23.11 -10.32 -13.73
C ILE A 317 23.71 -10.64 -12.38
N ASP A 318 24.32 -9.64 -11.76
CA ASP A 318 24.85 -9.82 -10.42
C ASP A 318 23.86 -9.20 -9.44
N LEU A 319 23.08 -10.07 -8.78
CA LEU A 319 22.06 -9.59 -7.84
C LEU A 319 22.67 -8.86 -6.66
N ASP A 320 23.96 -9.04 -6.41
CA ASP A 320 24.58 -8.27 -5.34
C ASP A 320 24.77 -6.82 -5.72
N GLU A 321 24.66 -6.50 -6.99
CA GLU A 321 24.80 -5.13 -7.43
C GLU A 321 23.46 -4.43 -7.58
N LEU A 322 22.37 -5.16 -7.36
CA LEU A 322 21.03 -4.56 -7.32
C LEU A 322 20.83 -3.87 -5.98
N ASN A 323 20.42 -2.60 -6.03
CA ASN A 323 19.79 -1.98 -4.87
C ASN A 323 18.39 -1.59 -5.27
N MET A 324 17.46 -1.70 -4.32
CA MET A 324 16.08 -1.39 -4.63
C MET A 324 15.31 -1.11 -3.35
N VAL A 325 14.24 -0.33 -3.51
CA VAL A 325 13.33 0.05 -2.43
C VAL A 325 11.90 -0.18 -2.90
N ALA A 326 11.11 -0.91 -2.11
CA ALA A 326 9.70 -1.15 -2.41
C ALA A 326 8.77 -0.59 -1.34
N TYR A 327 7.62 -0.09 -1.76
CA TYR A 327 6.52 0.21 -0.85
C TYR A 327 5.29 -0.49 -1.44
N GLY A 328 5.01 -1.70 -0.95
CA GLY A 328 4.12 -2.59 -1.65
C GLY A 328 4.48 -2.70 -3.11
N ASP A 329 3.63 -2.19 -3.98
CA ASP A 329 3.91 -2.22 -5.41
C ASP A 329 4.85 -1.13 -5.89
N ASP A 330 4.97 0.00 -5.19
CA ASP A 330 5.85 1.04 -5.68
C ASP A 330 7.31 0.63 -5.50
N VAL A 331 8.14 0.96 -6.50
CA VAL A 331 9.53 0.51 -6.54
C VAL A 331 10.40 1.65 -7.03
N LEU A 332 11.59 1.75 -6.47
CA LEU A 332 12.71 2.38 -7.13
C LEU A 332 13.88 1.45 -7.00
N ALA A 333 14.66 1.32 -8.07
CA ALA A 333 15.75 0.34 -8.07
C ALA A 333 16.86 0.86 -8.96
N SER A 334 18.08 0.41 -8.68
CA SER A 334 19.23 0.81 -9.47
C SER A 334 20.20 -0.37 -9.61
N TYR A 335 20.96 -0.34 -10.70
CA TYR A 335 21.90 -1.38 -11.09
C TYR A 335 23.02 -0.69 -11.83
N PRO A 336 24.23 -1.26 -11.87
CA PRO A 336 25.36 -0.49 -12.43
C PRO A 336 25.22 -0.16 -13.91
N PHE A 337 24.43 -0.94 -14.64
CA PHE A 337 24.21 -0.81 -16.06
C PHE A 337 22.71 -0.67 -16.32
N PRO A 338 22.31 0.24 -17.20
CA PRO A 338 20.88 0.44 -17.44
C PRO A 338 20.14 -0.86 -17.73
N ILE A 339 18.97 -1.00 -17.10
CA ILE A 339 18.10 -2.16 -17.24
C ILE A 339 16.92 -1.79 -18.11
N ASP A 340 16.79 -2.47 -19.27
CA ASP A 340 15.67 -2.26 -20.18
C ASP A 340 14.43 -2.94 -19.63
N CYS A 341 13.40 -2.16 -19.30
CA CYS A 341 12.15 -2.66 -18.70
C CYS A 341 11.11 -3.09 -19.72
N LEU A 342 11.24 -2.68 -20.99
CA LEU A 342 10.48 -3.33 -22.03
C LEU A 342 10.65 -4.85 -21.96
N GLU A 343 11.88 -5.30 -21.69
CA GLU A 343 12.13 -6.73 -21.60
C GLU A 343 11.69 -7.31 -20.27
N LEU A 344 11.81 -6.56 -19.16
CA LEU A 344 11.24 -7.04 -17.90
C LEU A 344 9.73 -7.22 -18.01
N ALA A 345 9.02 -6.25 -18.60
CA ALA A 345 7.58 -6.40 -18.76
C ALA A 345 7.22 -7.69 -19.49
N ARG A 346 7.95 -8.02 -20.55
CA ARG A 346 7.78 -9.31 -21.23
C ARG A 346 7.96 -10.48 -20.26
N THR A 347 9.08 -10.52 -19.54
CA THR A 347 9.22 -11.55 -18.50
C THR A 347 8.07 -11.45 -17.51
N GLY A 348 7.62 -10.22 -17.22
CA GLY A 348 6.55 -10.03 -16.25
C GLY A 348 5.26 -10.74 -16.63
N LYS A 349 4.82 -10.60 -17.89
CA LYS A 349 3.56 -11.20 -18.30
C LYS A 349 3.57 -12.72 -18.10
N GLU A 350 4.68 -13.38 -18.47
CA GLU A 350 4.89 -14.80 -18.17
C GLU A 350 4.51 -15.13 -16.73
N TYR A 351 4.76 -14.18 -15.83
CA TYR A 351 4.53 -14.35 -14.40
C TYR A 351 3.21 -13.73 -13.92
N GLY A 352 2.28 -13.42 -14.82
CA GLY A 352 1.01 -12.84 -14.45
C GLY A 352 1.06 -11.39 -14.02
N LEU A 353 2.18 -10.71 -14.25
CA LEU A 353 2.36 -9.32 -13.84
C LEU A 353 2.25 -8.42 -15.07
N THR A 354 1.42 -7.39 -14.97
CA THR A 354 1.30 -6.38 -16.01
C THR A 354 2.04 -5.13 -15.58
N MET A 355 3.13 -4.82 -16.27
CA MET A 355 3.97 -3.68 -15.96
C MET A 355 3.90 -2.68 -17.10
N THR A 356 3.66 -1.42 -16.76
CA THR A 356 3.65 -0.33 -17.72
C THR A 356 4.78 0.64 -17.40
N PRO A 357 5.15 1.54 -18.31
CA PRO A 357 6.21 2.50 -18.00
C PRO A 357 5.80 3.46 -16.89
N ALA A 358 6.82 4.05 -16.25
CA ALA A 358 6.66 4.81 -15.01
C ALA A 358 6.06 6.18 -15.25
N ASP A 359 6.45 6.83 -16.35
CA ASP A 359 6.00 8.19 -16.67
C ASP A 359 4.57 8.21 -17.24
N LYS A 360 3.80 7.14 -17.01
CA LYS A 360 2.47 6.94 -17.57
C LYS A 360 2.47 6.97 -19.10
N SER A 361 3.63 7.04 -19.75
CA SER A 361 3.79 6.99 -21.22
C SER A 361 3.56 5.58 -21.74
N PRO A 362 3.44 5.40 -23.06
CA PRO A 362 3.50 4.05 -23.62
C PRO A 362 4.88 3.59 -24.12
N CYS A 363 5.94 4.38 -24.02
CA CYS A 363 7.29 3.84 -24.14
C CYS A 363 7.96 3.77 -22.77
N PHE A 364 8.78 2.73 -22.57
CA PHE A 364 9.61 2.62 -21.38
C PHE A 364 10.78 3.56 -21.48
N GLU A 366 13.62 6.32 -20.44
CA GLU A 366 14.69 6.35 -19.43
C GLU A 366 14.20 7.01 -18.16
N VAL A 367 14.63 6.45 -17.04
CA VAL A 367 14.30 6.92 -15.70
C VAL A 367 15.57 7.52 -15.14
N ASN A 368 15.54 8.81 -14.77
CA ASN A 368 16.62 9.42 -14.03
C ASN A 368 16.04 10.19 -12.86
N TRP A 369 16.93 10.71 -12.00
CA TRP A 369 16.45 11.48 -10.87
C TRP A 369 15.61 12.66 -11.31
N ASP A 370 15.96 13.28 -12.45
CA ASP A 370 15.21 14.45 -12.90
C ASP A 370 13.76 14.14 -13.24
N ASN A 371 13.39 12.88 -13.35
CA ASN A 371 12.01 12.50 -13.62
C ASN A 371 11.50 11.30 -12.83
N ALA A 372 12.32 10.67 -12.00
CA ALA A 372 11.86 9.56 -11.20
C ALA A 372 10.92 10.05 -10.12
N THR A 373 9.93 9.23 -9.82
CA THR A 373 8.98 9.50 -8.75
C THR A 373 8.83 8.28 -7.87
N PHE A 374 8.51 8.52 -6.61
CA PHE A 374 8.34 7.43 -5.67
C PHE A 374 7.37 7.96 -4.64
N LEU A 375 6.43 7.12 -4.18
CA LEU A 375 5.34 7.56 -3.32
C LEU A 375 4.70 8.84 -3.84
N LYS A 376 4.43 8.86 -5.15
CA LYS A 376 3.89 10.00 -5.89
C LYS A 376 4.75 11.27 -5.91
N ARG A 377 5.92 11.29 -5.29
CA ARG A 377 6.70 12.51 -5.30
C ARG A 377 7.95 12.34 -6.15
N GLY A 378 8.45 13.48 -6.67
CA GLY A 378 9.66 13.51 -7.45
C GLY A 378 10.85 13.86 -6.58
N PHE A 379 12.00 13.96 -7.22
CA PHE A 379 13.26 14.25 -6.55
C PHE A 379 13.83 15.54 -7.11
N LEU A 380 13.92 16.56 -6.26
CA LEU A 380 14.32 17.90 -6.65
C LEU A 380 15.46 18.41 -5.79
N PRO A 381 16.67 18.51 -6.33
CA PRO A 381 17.79 18.96 -5.50
C PRO A 381 17.62 20.41 -5.10
N ASP A 382 18.01 20.69 -3.87
CA ASP A 382 17.86 22.05 -3.36
C ASP A 382 18.79 23.02 -4.07
N GLU A 383 18.23 24.19 -4.44
CA GLU A 383 18.98 25.20 -5.18
C GLU A 383 20.17 25.74 -4.38
N GLN A 384 20.07 25.79 -3.05
CA GLN A 384 21.21 26.24 -2.25
C GLN A 384 22.16 25.08 -1.97
N PHE A 385 21.72 24.12 -1.16
CA PHE A 385 22.48 22.93 -0.77
C PHE A 385 22.09 21.74 -1.63
N PRO A 386 22.83 21.43 -2.69
CA PRO A 386 22.33 20.48 -3.70
C PRO A 386 22.30 19.02 -3.24
N PHE A 387 23.03 18.66 -2.18
CA PHE A 387 22.99 17.30 -1.65
C PHE A 387 21.74 17.01 -0.83
N LEU A 388 20.94 18.04 -0.51
CA LEU A 388 19.63 17.87 0.12
C LEU A 388 18.57 17.77 -0.98
N ILE A 389 17.74 16.73 -0.91
CA ILE A 389 16.76 16.45 -1.94
C ILE A 389 15.37 16.72 -1.37
N HIS A 390 14.55 17.53 -2.11
CA HIS A 390 13.12 17.79 -1.93
C HIS A 390 12.33 16.66 -2.54
N PRO A 391 11.47 15.98 -1.79
CA PRO A 391 10.39 15.26 -2.47
C PRO A 391 9.42 16.29 -3.05
N THR A 392 9.11 16.17 -4.34
CA THR A 392 8.18 17.10 -4.99
C THR A 392 6.90 16.38 -5.37
N MET A 393 5.90 16.50 -4.51
CA MET A 393 4.51 16.13 -4.82
C MET A 393 3.97 17.09 -5.87
N PRO A 394 3.49 16.62 -7.01
CA PRO A 394 3.12 17.57 -8.07
C PRO A 394 1.90 18.38 -7.66
N MET A 395 1.95 19.69 -7.96
CA MET A 395 0.82 20.55 -7.64
C MET A 395 -0.50 20.07 -8.27
N LYS A 396 -0.45 19.30 -9.37
CA LYS A 396 -1.67 18.73 -9.94
C LYS A 396 -2.40 17.88 -8.90
N GLU A 397 -1.69 17.01 -8.20
CA GLU A 397 -2.34 16.14 -7.20
C GLU A 397 -2.82 16.89 -5.99
N ILE A 398 -2.15 17.99 -5.63
CA ILE A 398 -2.58 18.76 -4.46
C ILE A 398 -3.85 19.55 -4.78
N HIS A 399 -3.98 20.01 -6.03
CA HIS A 399 -5.22 20.61 -6.49
C HIS A 399 -6.38 19.63 -6.44
N GLU A 400 -6.14 18.36 -6.76
CA GLU A 400 -7.25 17.41 -6.79
C GLU A 400 -7.86 17.26 -5.40
N SER A 401 -7.01 17.13 -4.38
CA SER A 401 -7.46 16.94 -3.00
C SER A 401 -8.29 18.14 -2.53
N ILE A 402 -7.75 19.36 -2.67
CA ILE A 402 -8.28 20.53 -1.95
C ILE A 402 -9.70 20.86 -2.35
N ARG A 403 -10.15 20.35 -3.50
CA ARG A 403 -11.44 20.66 -4.11
C ARG A 403 -12.58 19.87 -3.48
N TRP A 404 -12.31 19.00 -2.51
CA TRP A 404 -13.35 18.17 -1.90
C TRP A 404 -13.04 17.99 -0.42
N THR A 405 -13.97 17.38 0.29
CA THR A 405 -13.96 17.28 1.75
C THR A 405 -14.97 16.25 2.22
N LYS A 406 -14.59 15.49 3.24
CA LYS A 406 -15.55 14.62 3.89
C LYS A 406 -16.18 15.25 5.13
N ASP A 407 -15.67 16.41 5.55
CA ASP A 407 -16.16 17.21 6.69
C ASP A 407 -15.47 18.57 6.69
N ALA A 408 -16.22 19.64 6.39
CA ALA A 408 -15.61 20.96 6.34
C ALA A 408 -15.14 21.46 7.70
N ARG A 409 -15.63 20.86 8.78
CA ARG A 409 -15.19 21.20 10.13
C ARG A 409 -13.66 21.13 10.25
N ASN A 410 -12.99 20.50 9.29
CA ASN A 410 -11.55 20.28 9.27
C ASN A 410 -10.86 20.88 8.06
N THR A 411 -11.46 21.90 7.45
CA THR A 411 -10.84 22.58 6.31
C THR A 411 -9.49 23.16 6.70
N GLN A 412 -9.42 23.81 7.86
CA GLN A 412 -8.15 24.36 8.31
C GLN A 412 -7.08 23.29 8.35
N ASP A 413 -7.41 22.12 8.94
CA ASP A 413 -6.43 21.05 9.10
C ASP A 413 -6.02 20.46 7.75
N HIS A 414 -6.99 20.33 6.85
CA HIS A 414 -6.74 19.79 5.52
C HIS A 414 -5.75 20.65 4.76
N VAL A 415 -5.97 21.97 4.75
CA VAL A 415 -5.14 22.89 3.97
C VAL A 415 -3.70 22.94 4.51
N ARG A 416 -3.52 22.86 5.83
CA ARG A 416 -2.15 22.88 6.36
C ARG A 416 -1.39 21.67 5.85
N SER A 417 -1.96 20.47 6.03
CA SER A 417 -1.29 19.24 5.56
C SER A 417 -0.95 19.34 4.07
N LEU A 418 -1.86 19.86 3.25
CA LEU A 418 -1.54 20.09 1.86
C LEU A 418 -0.42 21.10 1.69
N CYS A 419 -0.30 22.07 2.61
CA CYS A 419 0.79 23.01 2.44
C CYS A 419 2.12 22.41 2.86
N LEU A 420 2.13 21.56 3.89
CA LEU A 420 3.38 20.90 4.22
C LEU A 420 3.89 20.06 3.06
N LEU A 421 3.00 19.65 2.15
CA LEU A 421 3.37 18.86 0.98
C LEU A 421 3.74 19.73 -0.21
N ALA A 422 3.10 20.88 -0.33
CA ALA A 422 3.22 21.69 -1.54
C ALA A 422 4.49 22.53 -1.57
N TRP A 423 5.05 22.85 -0.40
CA TRP A 423 6.07 23.89 -0.35
C TRP A 423 7.37 23.43 -0.99
N HIS A 424 7.62 22.12 -1.03
CA HIS A 424 8.84 21.62 -1.66
C HIS A 424 8.91 21.96 -3.14
N ASN A 425 7.84 22.44 -3.77
CA ASN A 425 7.87 22.85 -5.16
C ASN A 425 8.37 24.28 -5.37
N GLY A 426 8.86 24.96 -4.34
CA GLY A 426 9.45 26.27 -4.55
C GLY A 426 8.70 27.42 -3.93
N LYS A 427 9.38 28.57 -3.72
CA LYS A 427 8.63 29.74 -3.26
C LYS A 427 7.58 30.14 -4.29
N GLN A 428 7.96 30.27 -5.56
CA GLN A 428 7.02 30.82 -6.54
C GLN A 428 5.75 29.96 -6.67
N GLU A 429 5.88 28.64 -6.69
CA GLU A 429 4.69 27.80 -6.78
C GLU A 429 3.88 27.83 -5.50
N TYR A 430 4.54 27.88 -4.34
CA TYR A 430 3.80 27.84 -3.08
C TYR A 430 2.97 29.10 -2.91
N GLU A 431 3.52 30.26 -3.26
CA GLU A 431 2.75 31.48 -3.14
C GLU A 431 1.63 31.57 -4.17
N LYS A 432 1.81 30.99 -5.36
CA LYS A 432 0.70 30.81 -6.29
C LYS A 432 -0.42 30.00 -5.65
N PHE A 433 -0.05 28.95 -4.93
CA PHE A 433 -1.03 28.13 -4.23
C PHE A 433 -1.71 28.90 -3.12
N VAL A 434 -0.92 29.59 -2.29
CA VAL A 434 -1.46 30.19 -1.07
C VAL A 434 -2.36 31.35 -1.42
N SER A 435 -2.02 32.08 -2.48
CA SER A 435 -2.80 33.27 -2.80
C SER A 435 -4.15 32.89 -3.40
N ALA A 436 -4.23 31.78 -4.14
CA ALA A 436 -5.51 31.32 -4.67
C ALA A 436 -6.39 30.74 -3.58
N ILE A 437 -5.79 30.24 -2.50
CA ILE A 437 -6.57 29.89 -1.31
C ILE A 437 -7.18 31.16 -0.70
N ARG A 438 -6.38 32.21 -0.58
CA ARG A 438 -6.86 33.48 -0.06
C ARG A 438 -7.97 34.09 -0.92
N SER A 439 -8.04 33.73 -2.19
CA SER A 439 -8.97 34.37 -3.12
C SER A 439 -10.48 34.14 -2.80
N VAL A 440 -10.75 33.52 -1.65
CA VAL A 440 -12.08 33.04 -1.28
C VAL A 440 -12.33 33.31 0.21
N PRO A 441 -13.53 33.78 0.57
CA PRO A 441 -13.81 34.14 1.96
C PRO A 441 -13.38 33.15 3.02
N VAL A 442 -13.52 31.85 2.80
CA VAL A 442 -13.03 30.90 3.80
C VAL A 442 -11.49 30.88 3.84
N GLY A 443 -10.86 30.95 2.67
CA GLY A 443 -9.40 30.99 2.61
C GLY A 443 -8.78 32.15 3.37
N LYS A 444 -9.49 33.27 3.48
CA LYS A 444 -8.99 34.40 4.25
C LYS A 444 -9.16 34.21 5.74
N ALA A 445 -9.82 33.15 6.19
CA ALA A 445 -9.89 32.89 7.62
C ALA A 445 -8.93 31.82 8.06
N LEU A 446 -8.16 31.24 7.14
CA LEU A 446 -7.28 30.13 7.47
C LEU A 446 -5.92 30.60 7.94
N ALA A 447 -5.36 29.84 8.90
CA ALA A 447 -3.96 29.98 9.27
C ALA A 447 -3.14 29.12 8.32
N ILE A 448 -2.23 29.74 7.60
CA ILE A 448 -1.47 29.10 6.53
C ILE A 448 0.02 29.16 6.89
N PRO A 449 0.76 28.06 6.76
CA PRO A 449 2.17 28.09 7.16
C PRO A 449 2.97 28.97 6.24
N ASN A 450 3.96 29.63 6.84
CA ASN A 450 4.83 30.58 6.15
C ASN A 450 5.95 29.81 5.45
N TYR A 451 6.17 30.11 4.16
CA TYR A 451 7.11 29.34 3.35
C TYR A 451 8.51 29.29 3.95
N GLU A 452 8.98 30.43 4.48
CA GLU A 452 10.32 30.44 5.03
C GLU A 452 10.40 29.63 6.31
N ASN A 453 9.28 29.56 7.06
CA ASN A 453 9.23 28.70 8.23
C ASN A 453 9.17 27.22 7.85
N LEU A 454 8.54 26.90 6.72
CA LEU A 454 8.57 25.53 6.25
C LEU A 454 9.98 25.15 5.83
N ARG A 455 10.61 26.03 5.04
CA ARG A 455 11.99 25.84 4.60
C ARG A 455 12.95 25.78 5.78
N ARG A 456 12.83 26.72 6.72
CA ARG A 456 13.71 26.72 7.87
C ARG A 456 13.53 25.46 8.69
N ASN A 457 12.28 25.07 8.95
CA ASN A 457 12.09 23.82 9.67
C ASN A 457 12.68 22.65 8.92
N TRP A 458 12.60 22.64 7.58
CA TRP A 458 13.16 21.52 6.85
C TRP A 458 14.68 21.45 7.02
N LEU A 459 15.36 22.59 6.95
CA LEU A 459 16.81 22.62 7.05
C LEU A 459 17.33 22.24 8.45
N GLU A 460 16.61 22.56 9.52
CA GLU A 460 17.04 22.10 10.84
C GLU A 460 17.03 20.59 10.98
N LEU A 461 16.21 19.89 10.18
CA LEU A 461 16.26 18.43 10.15
C LEU A 461 17.69 17.92 9.91
N PHE A 462 18.42 18.60 9.05
CA PHE A 462 19.82 18.30 8.76
C PHE A 462 20.77 19.06 9.69
C5 A1LXS C 17 -1.75 2.97 0.96
C1' A1LXS C 17 1.49 2.42 -0.51
C4' A1LXS C 17 2.72 3.19 -2.42
C5' A1LXS C 17 2.57 4.33 -3.46
C06 A1LXS C 17 -4.04 3.24 2.16
C6 A1LXS C 17 -2.67 2.57 1.99
C2 A1LXS C 17 -1.13 1.06 2.71
C4 A1LXS C 17 -0.54 2.35 0.87
C8 A1LXS C 17 -0.51 3.78 -0.74
C7 A1LXS C 17 -1.75 3.91 -0.09
C3' A1LXS C 17 1.61 2.11 -2.73
C2' A1LXS C 17 1.54 1.42 -1.41
F2' A1LXS C 17 0.37 0.62 -1.38
I7 A1LXS C 17 -3.27 5.23 -0.60
N1 A1LXS C 17 -2.33 1.63 2.82
N3 A1LXS C 17 -0.27 1.41 1.75
N9 A1LXS C 17 0.18 2.84 -0.16
O4' A1LXS C 17 2.42 3.58 -1.24
O5' A1LXS C 17 1.60 5.15 -2.93
O2P A1LXS C 17 1.23 6.43 -5.28
O3P A1LXS C 17 -0.77 6.05 -3.76
O3' A1LXS C 17 2.15 1.27 -3.61
P A1LXS C 17 0.75 6.31 -3.88
ZN ZN D . -11.58 -21.10 -1.30
#